data_6P5H
#
_entry.id   6P5H
#
_cell.length_a   52.027
_cell.length_b   52.027
_cell.length_c   79.753
_cell.angle_alpha   90.00
_cell.angle_beta   90.00
_cell.angle_gamma   120.00
#
_symmetry.space_group_name_H-M   'P 31'
#
loop_
_entity.id
_entity.type
_entity.pdbx_description
1 polymer MavC
2 water water
#
_entity_poly.entity_id   1
_entity_poly.type   'polypeptide(L)'
_entity_poly.pdbx_seq_one_letter_code
;GPLGSRFNAPQKYQKIKREEFNPETAEKNKIYLLEDQLVYLDIFGKVIDLGQTSDTCHRLFNAITTPFYQNYILYDEYID
PEESAEEAAMFEMGEIVKAKMKNID
;
_entity_poly.pdbx_strand_id   A,B
#
# COMPACT_ATOMS: atom_id res chain seq x y z
N ASN A 8 2.11 7.08 17.76
CA ASN A 8 3.49 7.41 17.41
C ASN A 8 4.06 6.39 16.43
N ALA A 9 3.50 5.16 16.44
CA ALA A 9 4.16 4.03 15.79
C ALA A 9 4.09 4.12 14.26
N PRO A 10 5.10 3.61 13.57
CA PRO A 10 5.05 3.60 12.10
C PRO A 10 3.99 2.63 11.59
N GLN A 11 3.48 2.94 10.40
CA GLN A 11 2.55 2.06 9.71
C GLN A 11 3.06 1.55 8.38
N LYS A 12 4.18 2.08 7.90
CA LYS A 12 4.65 1.85 6.55
C LYS A 12 6.08 1.36 6.59
N TYR A 13 6.47 0.65 5.54
CA TYR A 13 7.87 0.30 5.34
C TYR A 13 8.23 0.43 3.88
N GLN A 14 9.53 0.48 3.61
CA GLN A 14 10.00 0.23 2.25
C GLN A 14 11.37 -0.42 2.27
N LYS A 15 11.63 -1.22 1.25
CA LYS A 15 13.00 -1.60 0.95
C LYS A 15 13.71 -0.39 0.35
N ILE A 16 15.02 -0.29 0.61
CA ILE A 16 15.81 0.79 0.05
C ILE A 16 17.26 0.33 -0.06
N LYS A 17 17.94 0.83 -1.10
CA LYS A 17 19.37 0.60 -1.21
C LYS A 17 20.13 1.61 -0.36
N ARG A 18 21.28 1.17 0.16
CA ARG A 18 22.02 1.98 1.13
C ARG A 18 22.39 3.35 0.57
N GLU A 19 22.83 3.41 -0.68
CA GLU A 19 23.25 4.68 -1.25
C GLU A 19 22.08 5.55 -1.69
N GLU A 20 20.86 5.04 -1.63
CA GLU A 20 19.66 5.81 -1.89
C GLU A 20 18.97 6.27 -0.62
N PHE A 21 19.45 5.84 0.55
CA PHE A 21 18.82 6.14 1.82
C PHE A 21 19.45 7.40 2.41
N ASN A 22 18.73 8.50 2.35
CA ASN A 22 19.18 9.77 2.92
C ASN A 22 18.20 10.15 4.02
N PRO A 23 18.54 9.94 5.29
CA PRO A 23 17.61 10.28 6.38
C PRO A 23 17.09 11.71 6.34
N GLU A 24 17.86 12.65 5.82
CA GLU A 24 17.44 14.04 5.84
C GLU A 24 16.30 14.31 4.85
N THR A 25 16.18 13.52 3.79
CA THR A 25 15.11 13.72 2.82
C THR A 25 14.12 12.56 2.73
N ALA A 26 14.39 11.44 3.41
CA ALA A 26 13.46 10.32 3.38
C ALA A 26 12.23 10.62 4.22
N GLU A 27 11.16 9.88 3.94
CA GLU A 27 9.96 10.02 4.76
C GLU A 27 10.24 9.57 6.21
N LYS A 28 9.90 10.43 7.16
CA LYS A 28 10.11 10.11 8.58
C LYS A 28 8.94 9.28 9.12
N ASN A 29 9.13 8.74 10.33
CA ASN A 29 8.24 7.76 10.95
C ASN A 29 7.92 6.61 9.99
N LYS A 30 8.98 5.93 9.56
CA LYS A 30 8.85 4.88 8.58
C LYS A 30 9.98 3.87 8.79
N ILE A 31 9.67 2.62 8.47
CA ILE A 31 10.62 1.51 8.54
C ILE A 31 11.32 1.36 7.19
N TYR A 32 12.63 1.16 7.23
CA TYR A 32 13.44 0.95 6.04
C TYR A 32 14.17 -0.36 6.16
N LEU A 33 13.90 -1.27 5.23
CA LEU A 33 14.58 -2.56 5.15
C LEU A 33 15.69 -2.43 4.11
N LEU A 34 16.94 -2.49 4.57
CA LEU A 34 18.09 -2.54 3.68
C LEU A 34 18.61 -3.98 3.60
N GLU A 35 19.49 -4.22 2.64
CA GLU A 35 19.98 -5.58 2.44
C GLU A 35 20.86 -6.05 3.59
N ASP A 36 21.31 -5.15 4.48
CA ASP A 36 22.15 -5.54 5.59
C ASP A 36 21.71 -4.93 6.92
N GLN A 37 20.53 -4.34 7.00
CA GLN A 37 20.11 -3.66 8.21
C GLN A 37 18.62 -3.36 8.12
N LEU A 38 17.97 -3.29 9.28
CA LEU A 38 16.57 -2.91 9.40
C LEU A 38 16.51 -1.73 10.36
N VAL A 39 15.97 -0.60 9.91
CA VAL A 39 15.99 0.61 10.72
C VAL A 39 14.61 1.23 10.78
N TYR A 40 14.42 2.03 11.81
CA TYR A 40 13.27 2.90 11.97
C TYR A 40 13.77 4.32 11.86
N LEU A 41 13.23 5.08 10.93
CA LEU A 41 13.53 6.51 10.84
C LEU A 41 12.46 7.22 11.64
N ASP A 42 12.82 7.74 12.82
CA ASP A 42 11.77 8.20 13.71
C ASP A 42 11.27 9.59 13.29
N ILE A 43 10.32 10.13 14.05
CA ILE A 43 9.66 11.37 13.65
C ILE A 43 10.62 12.56 13.69
N PHE A 44 11.75 12.43 14.37
CA PHE A 44 12.76 13.47 14.40
C PHE A 44 13.83 13.33 13.33
N GLY A 45 13.78 12.25 12.54
CA GLY A 45 14.81 12.01 11.55
C GLY A 45 16.00 11.24 12.04
N LYS A 46 15.89 10.59 13.20
CA LYS A 46 16.96 9.77 13.74
C LYS A 46 16.82 8.34 13.23
N VAL A 47 17.91 7.79 12.69
CA VAL A 47 17.97 6.39 12.29
C VAL A 47 18.16 5.52 13.53
N ILE A 48 17.21 4.65 13.79
CA ILE A 48 17.25 3.75 14.94
C ILE A 48 17.41 2.33 14.42
N ASP A 49 18.50 1.66 14.82
CA ASP A 49 18.70 0.28 14.42
C ASP A 49 17.69 -0.64 15.09
N LEU A 50 17.17 -1.61 14.35
CA LEU A 50 16.20 -2.53 14.94
C LEU A 50 16.78 -3.91 15.26
N GLY A 51 18.09 -4.00 15.46
CA GLY A 51 18.68 -5.17 16.11
C GLY A 51 18.75 -6.44 15.30
N GLN A 52 18.70 -6.36 13.97
CA GLN A 52 18.72 -7.53 13.12
C GLN A 52 20.10 -7.76 12.50
N THR A 53 20.48 -9.02 12.36
CA THR A 53 21.75 -9.32 11.71
C THR A 53 21.65 -9.01 10.22
N SER A 54 22.81 -8.75 9.61
CA SER A 54 22.84 -8.52 8.17
C SER A 54 22.29 -9.72 7.41
N ASP A 55 22.50 -10.94 7.92
CA ASP A 55 22.01 -12.13 7.23
C ASP A 55 20.50 -12.20 7.26
N THR A 56 19.89 -11.88 8.41
CA THR A 56 18.43 -11.81 8.48
C THR A 56 17.90 -10.78 7.47
N CYS A 57 18.54 -9.62 7.42
CA CYS A 57 18.07 -8.54 6.56
C CYS A 57 18.22 -8.91 5.08
N HIS A 58 19.34 -9.54 4.72
CA HIS A 58 19.52 -9.97 3.35
C HIS A 58 18.42 -10.93 2.92
N ARG A 59 18.03 -11.84 3.82
CA ARG A 59 16.98 -12.81 3.53
C ARG A 59 15.63 -12.13 3.36
N LEU A 60 15.27 -11.26 4.30
CA LEU A 60 14.01 -10.54 4.19
C LEU A 60 13.98 -9.67 2.94
N PHE A 61 15.05 -8.89 2.73
CA PHE A 61 15.17 -8.01 1.57
C PHE A 61 14.92 -8.78 0.28
N ASN A 62 15.54 -9.95 0.14
CA ASN A 62 15.44 -10.68 -1.10
C ASN A 62 14.19 -11.57 -1.19
N ALA A 63 13.51 -11.83 -0.09
CA ALA A 63 12.26 -12.58 -0.14
C ALA A 63 11.08 -11.72 -0.60
N ILE A 64 11.16 -10.41 -0.45
CA ILE A 64 10.06 -9.51 -0.78
C ILE A 64 10.34 -8.96 -2.16
N THR A 65 9.73 -9.57 -3.17
CA THR A 65 10.02 -9.29 -4.58
C THR A 65 8.85 -8.68 -5.34
N THR A 66 7.63 -8.81 -4.84
CA THR A 66 6.48 -8.27 -5.56
C THR A 66 6.58 -6.75 -5.61
N PRO A 67 6.46 -6.14 -6.78
CA PRO A 67 6.52 -4.67 -6.86
C PRO A 67 5.59 -3.94 -5.90
N PHE A 68 4.35 -4.40 -5.73
CA PHE A 68 3.42 -3.76 -4.79
C PHE A 68 3.98 -3.73 -3.38
N TYR A 69 4.83 -4.69 -3.04
CA TYR A 69 5.28 -4.87 -1.66
C TYR A 69 6.64 -4.23 -1.39
N GLN A 70 7.24 -3.54 -2.36
CA GLN A 70 8.51 -2.88 -2.12
C GLN A 70 8.37 -1.68 -1.20
N ASN A 71 7.24 -0.98 -1.29
CA ASN A 71 6.96 0.24 -0.53
C ASN A 71 5.49 0.09 -0.14
N TYR A 72 5.22 -0.24 1.12
CA TYR A 72 3.94 -0.85 1.44
C TYR A 72 3.61 -0.62 2.92
N ILE A 73 2.55 -1.28 3.40
CA ILE A 73 2.11 -1.16 4.79
C ILE A 73 2.60 -2.34 5.61
N LEU A 74 2.81 -2.07 6.91
CA LEU A 74 3.43 -3.03 7.82
C LEU A 74 2.50 -4.17 8.24
N TYR A 75 1.24 -3.90 8.49
CA TYR A 75 0.47 -4.96 9.17
C TYR A 75 -0.72 -5.39 8.33
N ASP A 76 -0.46 -5.74 7.10
CA ASP A 76 -1.51 -6.06 6.13
C ASP A 76 -2.29 -7.27 6.62
N GLU A 77 -3.60 -7.06 6.87
CA GLU A 77 -4.44 -8.14 7.38
C GLU A 77 -4.62 -9.27 6.38
N TYR A 78 -4.35 -9.02 5.10
CA TYR A 78 -4.55 -10.04 4.07
C TYR A 78 -3.29 -10.82 3.74
N ILE A 79 -2.16 -10.49 4.38
CA ILE A 79 -0.95 -11.29 4.25
C ILE A 79 -1.16 -12.64 4.92
N ASP A 80 -0.69 -13.71 4.28
CA ASP A 80 -0.80 -15.06 4.83
C ASP A 80 0.57 -15.73 4.77
N PRO A 81 1.29 -15.82 5.89
CA PRO A 81 2.64 -16.39 5.85
C PRO A 81 2.70 -17.83 5.37
N GLU A 82 1.58 -18.54 5.40
CA GLU A 82 1.55 -19.93 4.94
C GLU A 82 1.35 -20.06 3.43
N GLU A 83 1.25 -18.95 2.70
CA GLU A 83 1.01 -19.05 1.26
C GLU A 83 2.24 -18.76 0.41
N SER A 84 3.25 -18.07 0.95
CA SER A 84 4.46 -17.82 0.18
C SER A 84 5.56 -17.39 1.14
N ALA A 85 6.81 -17.63 0.73
CA ALA A 85 7.94 -17.14 1.50
C ALA A 85 7.92 -15.62 1.61
N GLU A 86 7.44 -14.94 0.58
CA GLU A 86 7.36 -13.49 0.62
C GLU A 86 6.43 -13.01 1.73
N GLU A 87 5.23 -13.58 1.80
CA GLU A 87 4.29 -13.15 2.83
C GLU A 87 4.74 -13.60 4.22
N ALA A 88 5.44 -14.73 4.32
CA ALA A 88 6.04 -15.10 5.59
C ALA A 88 7.08 -14.07 6.02
N ALA A 89 7.89 -13.60 5.07
CA ALA A 89 8.91 -12.58 5.39
C ALA A 89 8.28 -11.25 5.77
N MET A 90 7.21 -10.85 5.06
CA MET A 90 6.53 -9.61 5.43
C MET A 90 5.95 -9.71 6.83
N PHE A 91 5.36 -10.86 7.16
CA PHE A 91 4.78 -11.05 8.48
C PHE A 91 5.87 -11.08 9.54
N GLU A 92 6.99 -11.74 9.23
CA GLU A 92 8.11 -11.80 10.17
C GLU A 92 8.65 -10.40 10.46
N MET A 93 8.82 -9.59 9.42
CA MET A 93 9.29 -8.22 9.64
C MET A 93 8.30 -7.43 10.49
N GLY A 94 7.00 -7.61 10.24
CA GLY A 94 6.01 -6.92 11.03
C GLY A 94 6.09 -7.30 12.50
N GLU A 95 6.38 -8.56 12.78
CA GLU A 95 6.49 -8.98 14.18
C GLU A 95 7.74 -8.42 14.82
N ILE A 96 8.85 -8.34 14.06
CA ILE A 96 10.06 -7.68 14.57
C ILE A 96 9.75 -6.23 14.91
N VAL A 97 9.11 -5.51 13.99
CA VAL A 97 8.86 -4.09 14.20
C VAL A 97 7.90 -3.88 15.36
N LYS A 98 6.84 -4.68 15.42
CA LYS A 98 5.89 -4.56 16.51
C LYS A 98 6.58 -4.71 17.87
N ALA A 99 7.48 -5.69 17.97
CA ALA A 99 8.19 -5.91 19.22
C ALA A 99 9.11 -4.73 19.55
N LYS A 100 9.76 -4.17 18.55
CA LYS A 100 10.68 -3.05 18.80
C LYS A 100 9.94 -1.76 19.11
N MET A 101 8.70 -1.63 18.65
CA MET A 101 7.89 -0.44 18.88
C MET A 101 7.03 -0.55 20.12
N LYS A 102 7.23 -1.61 20.91
CA LYS A 102 6.33 -1.96 22.01
C LYS A 102 6.12 -0.80 22.96
N ASN A 103 7.14 0.06 23.14
CA ASN A 103 7.05 1.14 24.11
C ASN A 103 7.16 2.51 23.46
N ILE A 104 6.84 2.62 22.17
CA ILE A 104 6.82 3.95 21.55
C ILE A 104 5.59 4.74 21.93
N ASP A 105 4.50 4.06 22.31
CA ASP A 105 3.33 4.71 22.89
C ASP A 105 3.22 4.33 24.36
N ASN B 8 -2.01 -7.09 -17.68
CA ASN B 8 -2.32 -7.53 -16.33
C ASN B 8 -3.13 -6.48 -15.57
N ALA B 9 -3.04 -5.22 -16.01
CA ALA B 9 -3.51 -4.11 -15.19
C ALA B 9 -5.05 -4.04 -15.14
N PRO B 10 -5.60 -3.56 -14.04
CA PRO B 10 -7.06 -3.39 -13.97
C PRO B 10 -7.53 -2.27 -14.88
N GLN B 11 -8.78 -2.40 -15.33
CA GLN B 11 -9.44 -1.36 -16.10
C GLN B 11 -10.68 -0.80 -15.43
N LYS B 12 -11.12 -1.39 -14.33
CA LYS B 12 -12.41 -1.08 -13.73
C LYS B 12 -12.22 -0.77 -12.26
N TYR B 13 -13.16 0.01 -11.72
CA TYR B 13 -13.22 0.22 -10.29
C TYR B 13 -14.66 0.21 -9.83
N GLN B 14 -14.85 0.06 -8.52
CA GLN B 14 -16.13 0.40 -7.93
C GLN B 14 -15.94 0.89 -6.50
N LYS B 15 -16.85 1.75 -6.08
CA LYS B 15 -17.03 2.00 -4.66
C LYS B 15 -17.69 0.79 -4.01
N ILE B 16 -17.35 0.54 -2.76
CA ILE B 16 -17.97 -0.57 -2.03
C ILE B 16 -17.91 -0.26 -0.55
N LYS B 17 -18.91 -0.74 0.20
CA LYS B 17 -18.85 -0.67 1.64
C LYS B 17 -18.02 -1.82 2.19
N ARG B 18 -17.31 -1.55 3.28
CA ARG B 18 -16.46 -2.56 3.90
C ARG B 18 -17.23 -3.82 4.21
N GLU B 19 -18.47 -3.68 4.71
CA GLU B 19 -19.28 -4.83 5.09
C GLU B 19 -19.71 -5.67 3.89
N GLU B 20 -19.70 -5.08 2.69
CA GLU B 20 -20.10 -5.77 1.46
C GLU B 20 -18.93 -6.30 0.65
N PHE B 21 -17.70 -5.99 1.04
CA PHE B 21 -16.52 -6.36 0.28
C PHE B 21 -16.04 -7.73 0.74
N ASN B 22 -16.26 -8.74 -0.10
CA ASN B 22 -15.81 -10.10 0.19
C ASN B 22 -14.83 -10.50 -0.91
N PRO B 23 -13.52 -10.45 -0.65
CA PRO B 23 -12.53 -10.78 -1.69
C PRO B 23 -12.76 -12.14 -2.35
N GLU B 24 -13.34 -13.10 -1.62
CA GLU B 24 -13.50 -14.44 -2.20
C GLU B 24 -14.56 -14.47 -3.29
N THR B 25 -15.56 -13.59 -3.23
CA THR B 25 -16.62 -13.58 -4.23
C THR B 25 -16.65 -12.32 -5.07
N ALA B 26 -15.84 -11.31 -4.75
CA ALA B 26 -15.81 -10.10 -5.55
C ALA B 26 -15.10 -10.34 -6.88
N GLU B 27 -15.36 -9.46 -7.84
CA GLU B 27 -14.66 -9.55 -9.12
C GLU B 27 -13.17 -9.29 -8.93
N LYS B 28 -12.33 -10.19 -9.43
CA LYS B 28 -10.89 -10.04 -9.31
C LYS B 28 -10.35 -9.13 -10.42
N ASN B 29 -9.07 -8.74 -10.28
CA ASN B 29 -8.43 -7.74 -11.13
C ASN B 29 -9.28 -6.49 -11.25
N LYS B 30 -9.56 -5.88 -10.11
CA LYS B 30 -10.41 -4.70 -10.07
C LYS B 30 -10.03 -3.84 -8.87
N ILE B 31 -10.25 -2.54 -9.01
CA ILE B 31 -9.99 -1.56 -7.97
C ILE B 31 -11.25 -1.37 -7.13
N TYR B 32 -11.08 -1.33 -5.81
CA TYR B 32 -12.19 -1.08 -4.90
C TYR B 32 -11.86 0.13 -4.05
N LEU B 33 -12.73 1.14 -4.13
CA LEU B 33 -12.62 2.35 -3.34
C LEU B 33 -13.58 2.22 -2.16
N LEU B 34 -13.03 2.08 -0.97
CA LEU B 34 -13.81 2.11 0.26
C LEU B 34 -13.68 3.49 0.89
N GLU B 35 -14.56 3.77 1.87
CA GLU B 35 -14.53 5.11 2.44
C GLU B 35 -13.31 5.34 3.33
N ASP B 36 -12.52 4.30 3.63
CA ASP B 36 -11.32 4.46 4.42
C ASP B 36 -10.10 3.77 3.83
N GLN B 37 -10.17 3.29 2.58
CA GLN B 37 -9.06 2.56 2.00
C GLN B 37 -9.29 2.44 0.50
N LEU B 38 -8.20 2.35 -0.24
CA LEU B 38 -8.22 2.08 -1.68
C LEU B 38 -7.41 0.83 -1.93
N VAL B 39 -8.02 -0.18 -2.54
CA VAL B 39 -7.34 -1.46 -2.70
C VAL B 39 -7.45 -1.95 -4.13
N TYR B 40 -6.51 -2.81 -4.49
CA TYR B 40 -6.52 -3.56 -5.73
C TYR B 40 -6.75 -5.03 -5.37
N LEU B 41 -7.80 -5.62 -5.90
CA LEU B 41 -8.02 -7.06 -5.74
C LEU B 41 -7.38 -7.73 -6.94
N ASP B 42 -6.24 -8.40 -6.73
CA ASP B 42 -5.47 -8.84 -7.89
C ASP B 42 -6.06 -10.11 -8.48
N ILE B 43 -5.44 -10.62 -9.54
CA ILE B 43 -6.01 -11.74 -10.28
C ILE B 43 -6.01 -13.03 -9.46
N PHE B 44 -5.26 -13.08 -8.36
CA PHE B 44 -5.26 -14.24 -7.48
C PHE B 44 -6.23 -14.10 -6.32
N GLY B 45 -6.89 -12.95 -6.18
CA GLY B 45 -7.79 -12.72 -5.08
C GLY B 45 -7.14 -12.13 -3.85
N LYS B 46 -5.94 -11.58 -3.99
CA LYS B 46 -5.25 -10.94 -2.87
C LYS B 46 -5.60 -9.45 -2.84
N VAL B 47 -5.99 -8.97 -1.66
CA VAL B 47 -6.26 -7.55 -1.45
C VAL B 47 -4.93 -6.83 -1.25
N ILE B 48 -4.64 -5.89 -2.14
CA ILE B 48 -3.40 -5.12 -2.11
C ILE B 48 -3.73 -3.68 -1.78
N ASP B 49 -3.18 -3.18 -0.68
CA ASP B 49 -3.41 -1.79 -0.31
C ASP B 49 -2.70 -0.84 -1.27
N LEU B 50 -3.37 0.26 -1.61
CA LEU B 50 -2.77 1.21 -2.54
C LEU B 50 -2.29 2.49 -1.86
N GLY B 51 -2.00 2.43 -0.56
CA GLY B 51 -1.19 3.46 0.08
C GLY B 51 -1.86 4.78 0.37
N GLN B 52 -3.19 4.81 0.43
CA GLN B 52 -3.91 6.07 0.62
C GLN B 52 -4.41 6.20 2.04
N THR B 53 -4.35 7.43 2.58
CA THR B 53 -4.88 7.66 3.91
C THR B 53 -6.39 7.50 3.93
N SER B 54 -6.91 7.18 5.11
CA SER B 54 -8.36 7.10 5.27
C SER B 54 -9.05 8.41 4.87
N ASP B 55 -8.39 9.55 5.15
CA ASP B 55 -9.00 10.84 4.82
C ASP B 55 -9.08 11.05 3.31
N THR B 56 -8.03 10.65 2.57
CA THR B 56 -8.08 10.74 1.11
C THR B 56 -9.22 9.90 0.56
N CYS B 57 -9.34 8.66 1.05
CA CYS B 57 -10.36 7.75 0.57
C CYS B 57 -11.76 8.26 0.89
N HIS B 58 -11.95 8.81 2.10
CA HIS B 58 -13.25 9.37 2.44
C HIS B 58 -13.65 10.49 1.48
N ARG B 59 -12.68 11.33 1.11
CA ARG B 59 -12.96 12.44 0.19
C ARG B 59 -13.29 11.92 -1.21
N LEU B 60 -12.50 10.97 -1.72
CA LEU B 60 -12.77 10.42 -3.03
C LEU B 60 -14.10 9.67 -3.06
N PHE B 61 -14.32 8.82 -2.05
CA PHE B 61 -15.55 8.05 -1.93
C PHE B 61 -16.77 8.96 -1.98
N ASN B 62 -16.73 10.07 -1.25
CA ASN B 62 -17.90 10.93 -1.17
C ASN B 62 -17.98 11.94 -2.31
N ALA B 63 -16.90 12.18 -3.06
CA ALA B 63 -16.96 13.05 -4.22
C ALA B 63 -17.58 12.38 -5.44
N ILE B 64 -17.55 11.04 -5.50
CA ILE B 64 -18.05 10.32 -6.66
C ILE B 64 -19.47 9.88 -6.33
N THR B 65 -20.43 10.66 -6.82
CA THR B 65 -21.83 10.52 -6.43
C THR B 65 -22.76 10.13 -7.57
N THR B 66 -22.35 10.28 -8.83
CA THR B 66 -23.21 9.93 -9.94
C THR B 66 -23.41 8.42 -9.99
N PRO B 67 -24.65 7.93 -10.05
CA PRO B 67 -24.86 6.47 -10.12
C PRO B 67 -24.06 5.76 -11.20
N PHE B 68 -23.94 6.34 -12.40
CA PHE B 68 -23.15 5.71 -13.46
C PHE B 68 -21.71 5.47 -13.02
N TYR B 69 -21.21 6.30 -12.10
CA TYR B 69 -19.80 6.30 -11.77
C TYR B 69 -19.50 5.50 -10.50
N GLN B 70 -20.49 4.83 -9.93
CA GLN B 70 -20.23 4.02 -8.74
C GLN B 70 -19.45 2.76 -9.07
N ASN B 71 -19.69 2.20 -10.25
CA ASN B 71 -19.10 0.94 -10.70
C ASN B 71 -18.78 1.20 -12.17
N TYR B 72 -17.51 1.45 -12.50
CA TYR B 72 -17.24 2.15 -13.74
C TYR B 72 -15.83 1.81 -14.22
N ILE B 73 -15.35 2.55 -15.25
CA ILE B 73 -14.02 2.34 -15.82
C ILE B 73 -13.05 3.37 -15.28
N LEU B 74 -11.77 2.96 -15.18
CA LEU B 74 -10.72 3.77 -14.57
C LEU B 74 -10.25 4.93 -15.43
N TYR B 75 -10.12 4.75 -16.73
CA TYR B 75 -9.40 5.80 -17.44
C TYR B 75 -10.27 6.44 -18.52
N ASP B 76 -11.42 6.93 -18.10
CA ASP B 76 -12.41 7.47 -19.01
C ASP B 76 -11.85 8.68 -19.74
N GLU B 77 -11.71 8.58 -21.06
CA GLU B 77 -11.17 9.67 -21.86
C GLU B 77 -12.06 10.92 -21.79
N TYR B 78 -13.32 10.77 -21.40
CA TYR B 78 -14.25 11.89 -21.46
C TYR B 78 -14.46 12.60 -20.12
N ILE B 79 -13.90 12.12 -19.02
CA ILE B 79 -14.01 12.90 -17.79
C ILE B 79 -13.04 14.07 -17.86
N ASP B 80 -13.44 15.19 -17.27
CA ASP B 80 -12.68 16.42 -17.32
C ASP B 80 -12.57 16.95 -15.90
N PRO B 81 -11.40 16.87 -15.26
CA PRO B 81 -11.30 17.29 -13.86
C PRO B 81 -11.65 18.75 -13.64
N GLU B 82 -11.64 19.57 -14.69
CA GLU B 82 -12.01 20.98 -14.56
C GLU B 82 -13.51 21.21 -14.57
N GLU B 83 -14.31 20.18 -14.86
CA GLU B 83 -15.75 20.36 -14.95
C GLU B 83 -16.47 20.13 -13.63
N SER B 84 -15.94 19.29 -12.74
CA SER B 84 -16.62 19.03 -11.48
C SER B 84 -15.64 18.41 -10.50
N ALA B 85 -15.97 18.54 -9.21
CA ALA B 85 -15.18 17.86 -8.19
C ALA B 85 -15.24 16.35 -8.35
N GLU B 86 -16.37 15.83 -8.82
CA GLU B 86 -16.48 14.38 -9.02
C GLU B 86 -15.49 13.90 -10.09
N GLU B 87 -15.45 14.58 -11.24
CA GLU B 87 -14.54 14.17 -12.29
C GLU B 87 -13.10 14.42 -11.93
N ALA B 88 -12.82 15.45 -11.12
CA ALA B 88 -11.47 15.63 -10.61
C ALA B 88 -11.07 14.47 -9.71
N ALA B 89 -12.01 13.98 -8.88
CA ALA B 89 -11.73 12.86 -7.99
C ALA B 89 -11.53 11.56 -8.77
N MET B 90 -12.35 11.33 -9.81
CA MET B 90 -12.15 10.14 -10.62
C MET B 90 -10.80 10.17 -11.33
N PHE B 91 -10.41 11.34 -11.84
CA PHE B 91 -9.12 11.47 -12.50
C PHE B 91 -7.99 11.29 -11.49
N GLU B 92 -8.15 11.84 -10.30
CA GLU B 92 -7.12 11.69 -9.25
C GLU B 92 -6.95 10.23 -8.87
N MET B 93 -8.05 9.51 -8.71
CA MET B 93 -7.95 8.09 -8.39
C MET B 93 -7.26 7.33 -9.52
N GLY B 94 -7.58 7.66 -10.77
CA GLY B 94 -6.92 7.01 -11.89
C GLY B 94 -5.42 7.24 -11.88
N GLU B 95 -4.98 8.44 -11.50
CA GLU B 95 -3.55 8.70 -11.46
C GLU B 95 -2.88 7.94 -10.32
N ILE B 96 -3.56 7.83 -9.17
CA ILE B 96 -3.04 6.99 -8.09
C ILE B 96 -2.89 5.55 -8.57
N VAL B 97 -3.93 5.00 -9.20
CA VAL B 97 -3.90 3.61 -9.61
C VAL B 97 -2.84 3.38 -10.68
N LYS B 98 -2.75 4.30 -11.65
CA LYS B 98 -1.74 4.15 -12.69
C LYS B 98 -0.34 4.10 -12.11
N ALA B 99 -0.06 4.96 -11.13
CA ALA B 99 1.26 4.98 -10.51
C ALA B 99 1.53 3.68 -9.74
N LYS B 100 0.52 3.15 -9.06
CA LYS B 100 0.70 1.92 -8.29
C LYS B 100 0.82 0.69 -9.17
N MET B 101 0.24 0.74 -10.36
CA MET B 101 0.28 -0.37 -11.31
C MET B 101 1.47 -0.32 -12.25
N LYS B 102 2.37 0.65 -12.03
CA LYS B 102 3.45 0.95 -12.98
C LYS B 102 4.26 -0.28 -13.33
N ASN B 103 4.39 -1.22 -12.38
CA ASN B 103 5.26 -2.36 -12.56
C ASN B 103 4.49 -3.68 -12.63
N ILE B 104 3.18 -3.63 -12.89
CA ILE B 104 2.40 -4.87 -12.96
C ILE B 104 2.62 -5.60 -14.28
N ASP B 105 3.03 -4.90 -15.34
CA ASP B 105 3.37 -5.55 -16.59
C ASP B 105 4.88 -5.56 -16.79
#